data_3GRU
#
_entry.id   3GRU
#
_cell.length_a   40.528
_cell.length_b   66.276
_cell.length_c   62.008
_cell.angle_alpha   90.00
_cell.angle_beta   107.52
_cell.angle_gamma   90.00
#
_symmetry.space_group_name_H-M   'P 1 21 1'
#
loop_
_entity.id
_entity.type
_entity.pdbx_description
1 polymer 'Dimethyladenosine transferase'
2 non-polymer 'ADENOSINE MONOPHOSPHATE'
3 non-polymer 'SULFATE ION'
4 water water
#
_entity_poly.entity_id   1
_entity_poly.type   'polypeptide(L)'
_entity_poly.pdbx_seq_one_letter_code
;MGSSHHHHHHSSGLVPRGSHMFKPKKKLGQCFLIDKNFVNKAVESANLTKDDVVLEIGLGKGILTEELAKNAKKVYVIEI
DKSLEPYANKLKELYNNIEIIWGDALKVDLNKLDFNKVVANLPYQISSPITFKLIKRGFDLAVLMYQYEFAKRMVAAAGT
KDYGRLSVAVQSRADVEIVAKVPPSAFYPKPKVYSAIVKIKPNKGKYHIENENFFDDFLRAIFQHRNKSVRKALIDSSKE
LNYNKDEMKKILEDFLNTNSEIKNLINEKVFKLSVKDIVNLSNEFYRFLQNRGRL
;
_entity_poly.pdbx_strand_id   A
#
loop_
_chem_comp.id
_chem_comp.type
_chem_comp.name
_chem_comp.formula
AMP non-polymer 'ADENOSINE MONOPHOSPHATE' 'C10 H14 N5 O7 P'
SO4 non-polymer 'SULFATE ION' 'O4 S -2'
#
# COMPACT_ATOMS: atom_id res chain seq x y z
N GLN A 30 21.70 6.80 5.16
CA GLN A 30 20.91 5.58 4.79
C GLN A 30 21.24 4.41 5.71
N CYS A 31 20.19 3.77 6.23
CA CYS A 31 20.34 2.59 7.08
C CYS A 31 20.17 1.34 6.22
N PHE A 32 21.30 0.73 5.84
CA PHE A 32 21.32 -0.45 4.99
C PHE A 32 20.81 -1.66 5.78
N LEU A 33 20.00 -2.50 5.13
CA LEU A 33 19.63 -3.80 5.70
C LEU A 33 20.86 -4.67 5.62
N ILE A 34 21.32 -5.18 6.76
CA ILE A 34 22.54 -5.99 6.79
C ILE A 34 22.30 -7.44 7.23
N ASP A 35 21.18 -7.66 7.92
CA ASP A 35 20.92 -8.96 8.53
C ASP A 35 20.30 -9.92 7.51
N LYS A 36 21.10 -10.90 7.10
CA LYS A 36 20.65 -11.85 6.08
C LYS A 36 19.40 -12.64 6.49
N ASN A 37 19.19 -12.80 7.79
CA ASN A 37 17.98 -13.49 8.24
C ASN A 37 16.69 -12.80 7.83
N PHE A 38 16.71 -11.47 7.82
CA PHE A 38 15.57 -10.70 7.36
C PHE A 38 15.45 -10.62 5.84
N VAL A 39 16.59 -10.60 5.16
CA VAL A 39 16.59 -10.82 3.71
C VAL A 39 15.90 -12.16 3.39
N ASN A 40 16.32 -13.22 4.07
CA ASN A 40 15.72 -14.55 3.86
C ASN A 40 14.22 -14.56 4.12
N LYS A 41 13.77 -13.93 5.21
CA LYS A 41 12.33 -13.90 5.52
C LYS A 41 11.52 -13.22 4.40
N ALA A 42 12.04 -12.10 3.90
CA ALA A 42 11.38 -11.39 2.80
C ALA A 42 11.32 -12.25 1.54
N VAL A 43 12.48 -12.80 1.16
CA VAL A 43 12.57 -13.62 -0.05
C VAL A 43 11.65 -14.86 0.02
N GLU A 44 11.63 -15.48 1.20
N GLU A 44 11.64 -15.54 1.16
CA GLU A 44 10.76 -16.62 1.46
CA GLU A 44 10.79 -16.74 1.29
C GLU A 44 9.28 -16.25 1.29
C GLU A 44 9.31 -16.43 1.14
N SER A 45 8.91 -15.07 1.80
N SER A 45 8.86 -15.35 1.77
CA SER A 45 7.51 -14.65 1.74
CA SER A 45 7.47 -14.91 1.66
C SER A 45 7.05 -14.37 0.31
C SER A 45 7.06 -14.57 0.24
N ALA A 46 8.00 -14.07 -0.56
CA ALA A 46 7.73 -13.72 -1.96
C ALA A 46 7.47 -14.94 -2.85
N ASN A 47 7.83 -16.13 -2.36
CA ASN A 47 7.52 -17.38 -3.05
C ASN A 47 8.01 -17.33 -4.50
N LEU A 48 9.29 -17.03 -4.68
CA LEU A 48 9.86 -16.86 -6.01
C LEU A 48 10.13 -18.16 -6.77
N THR A 49 9.91 -18.11 -8.09
CA THR A 49 10.37 -19.15 -8.99
C THR A 49 11.05 -18.48 -10.17
N LYS A 50 11.66 -19.29 -11.04
CA LYS A 50 12.43 -18.76 -12.15
C LYS A 50 11.53 -18.24 -13.29
N ASP A 51 10.22 -18.21 -13.06
CA ASP A 51 9.28 -17.58 -14.00
C ASP A 51 8.83 -16.20 -13.54
N ASP A 52 9.21 -15.83 -12.31
CA ASP A 52 8.86 -14.52 -11.77
C ASP A 52 9.90 -13.49 -12.17
N VAL A 53 9.44 -12.25 -12.36
CA VAL A 53 10.33 -11.12 -12.63
C VAL A 53 10.06 -10.11 -11.52
N VAL A 54 11.13 -9.71 -10.83
CA VAL A 54 10.99 -8.94 -9.58
C VAL A 54 11.49 -7.52 -9.75
N LEU A 55 10.70 -6.55 -9.26
CA LEU A 55 11.15 -5.18 -9.11
C LEU A 55 11.64 -4.97 -7.68
N GLU A 56 12.83 -4.41 -7.55
CA GLU A 56 13.30 -3.96 -6.23
C GLU A 56 13.47 -2.45 -6.28
N ILE A 57 13.11 -1.78 -5.20
CA ILE A 57 13.34 -0.34 -5.07
C ILE A 57 14.39 -0.12 -4.01
N GLY A 58 15.49 0.52 -4.40
CA GLY A 58 16.61 0.74 -3.51
C GLY A 58 17.60 -0.39 -3.62
N LEU A 59 18.82 -0.07 -4.00
CA LEU A 59 19.85 -1.09 -4.17
C LEU A 59 20.52 -1.45 -2.85
N GLY A 60 20.73 -0.45 -2.00
CA GLY A 60 21.52 -0.62 -0.78
C GLY A 60 22.86 -1.27 -1.10
N LYS A 61 23.22 -2.29 -0.32
CA LYS A 61 24.47 -3.03 -0.51
C LYS A 61 24.32 -4.18 -1.49
N GLY A 62 23.10 -4.35 -2.01
CA GLY A 62 22.79 -5.44 -2.94
C GLY A 62 22.66 -6.84 -2.35
N ILE A 63 22.53 -6.93 -1.02
N ILE A 63 22.51 -6.95 -1.03
CA ILE A 63 22.38 -8.22 -0.37
CA ILE A 63 22.39 -8.30 -0.42
C ILE A 63 21.04 -8.84 -0.79
C ILE A 63 20.99 -8.90 -0.61
N LEU A 64 19.97 -8.05 -0.64
CA LEU A 64 18.63 -8.49 -1.04
C LEU A 64 18.65 -8.75 -2.54
N THR A 65 19.24 -7.82 -3.30
CA THR A 65 19.33 -7.96 -4.77
C THR A 65 19.92 -9.30 -5.20
N GLU A 66 21.00 -9.71 -4.55
CA GLU A 66 21.65 -10.98 -4.86
C GLU A 66 20.68 -12.16 -4.69
N GLU A 67 19.93 -12.17 -3.59
CA GLU A 67 19.00 -13.28 -3.31
C GLU A 67 17.86 -13.30 -4.31
N LEU A 68 17.43 -12.13 -4.75
CA LEU A 68 16.39 -12.03 -5.76
C LEU A 68 16.90 -12.61 -7.08
N ALA A 69 18.12 -12.22 -7.47
CA ALA A 69 18.72 -12.68 -8.72
C ALA A 69 18.94 -14.20 -8.75
N LYS A 70 19.32 -14.76 -7.61
CA LYS A 70 19.51 -16.20 -7.48
C LYS A 70 18.22 -17.00 -7.74
N ASN A 71 17.09 -16.42 -7.38
CA ASN A 71 15.82 -17.15 -7.30
C ASN A 71 14.77 -16.82 -8.35
N ALA A 72 14.87 -15.62 -8.94
CA ALA A 72 13.89 -15.13 -9.94
C ALA A 72 14.46 -15.16 -11.36
N LYS A 73 13.59 -15.05 -12.36
CA LYS A 73 14.04 -14.96 -13.75
C LYS A 73 15.00 -13.79 -13.95
N LYS A 74 14.59 -12.62 -13.45
CA LYS A 74 15.28 -11.37 -13.70
C LYS A 74 14.86 -10.41 -12.60
N VAL A 75 15.73 -9.48 -12.24
N VAL A 75 15.73 -9.46 -12.31
CA VAL A 75 15.38 -8.45 -11.28
CA VAL A 75 15.49 -8.45 -11.29
C VAL A 75 15.75 -7.07 -11.80
C VAL A 75 15.76 -7.06 -11.88
N TYR A 76 14.79 -6.16 -11.71
CA TYR A 76 15.02 -4.73 -12.01
C TYR A 76 15.24 -4.08 -10.66
N VAL A 77 16.23 -3.19 -10.56
CA VAL A 77 16.42 -2.38 -9.35
C VAL A 77 16.36 -0.91 -9.71
N ILE A 78 15.43 -0.18 -9.10
CA ILE A 78 15.38 1.28 -9.28
C ILE A 78 16.10 1.92 -8.10
N GLU A 79 17.13 2.68 -8.41
CA GLU A 79 18.00 3.30 -7.39
C GLU A 79 18.36 4.73 -7.81
N ILE A 80 18.10 5.68 -6.91
CA ILE A 80 18.28 7.12 -7.19
C ILE A 80 19.72 7.61 -7.04
N ASP A 81 20.50 6.90 -6.22
CA ASP A 81 21.83 7.35 -5.80
C ASP A 81 22.91 6.61 -6.56
N LYS A 82 23.52 7.29 -7.54
CA LYS A 82 24.55 6.68 -8.39
C LYS A 82 25.87 6.40 -7.68
N SER A 83 26.04 6.90 -6.45
CA SER A 83 27.27 6.65 -5.70
C SER A 83 27.32 5.17 -5.23
N LEU A 84 26.21 4.45 -5.41
CA LEU A 84 26.10 3.03 -5.06
C LEU A 84 26.46 2.11 -6.23
N GLU A 85 26.95 2.70 -7.32
CA GLU A 85 27.27 1.95 -8.54
C GLU A 85 28.29 0.81 -8.34
N PRO A 86 29.32 1.00 -7.48
CA PRO A 86 30.22 -0.13 -7.24
C PRO A 86 29.52 -1.39 -6.72
N TYR A 87 28.45 -1.23 -5.93
CA TYR A 87 27.66 -2.39 -5.51
C TYR A 87 26.95 -3.06 -6.70
N ALA A 88 26.43 -2.22 -7.61
CA ALA A 88 25.80 -2.70 -8.84
C ALA A 88 26.79 -3.45 -9.74
N ASN A 89 27.95 -2.85 -9.93
CA ASN A 89 29.02 -3.44 -10.76
C ASN A 89 29.51 -4.79 -10.22
N LYS A 90 29.61 -4.90 -8.89
CA LYS A 90 29.97 -6.17 -8.25
C LYS A 90 28.94 -7.25 -8.58
N LEU A 91 27.67 -6.92 -8.40
CA LEU A 91 26.57 -7.85 -8.67
C LEU A 91 26.56 -8.35 -10.11
N LYS A 92 26.73 -7.42 -11.05
CA LYS A 92 26.69 -7.73 -12.48
C LYS A 92 27.80 -8.67 -12.95
N GLU A 93 28.87 -8.77 -12.15
CA GLU A 93 29.95 -9.71 -12.41
C GLU A 93 29.55 -11.16 -12.11
N LEU A 94 28.63 -11.34 -11.16
CA LEU A 94 28.23 -12.67 -10.73
C LEU A 94 26.89 -13.09 -11.31
N TYR A 95 26.07 -12.10 -11.67
CA TYR A 95 24.71 -12.37 -12.15
C TYR A 95 24.44 -11.65 -13.44
N ASN A 96 23.87 -12.38 -14.40
CA ASN A 96 23.54 -11.84 -15.70
C ASN A 96 22.10 -11.35 -15.83
N ASN A 97 21.32 -11.46 -14.76
CA ASN A 97 19.89 -11.21 -14.82
C ASN A 97 19.45 -10.06 -13.94
N ILE A 98 20.33 -9.08 -13.77
CA ILE A 98 20.04 -7.90 -12.95
C ILE A 98 20.12 -6.67 -13.84
N GLU A 99 19.06 -5.87 -13.85
CA GLU A 99 19.08 -4.60 -14.60
C GLU A 99 18.88 -3.45 -13.62
N ILE A 100 19.83 -2.52 -13.60
CA ILE A 100 19.73 -1.35 -12.74
C ILE A 100 19.16 -0.17 -13.52
N ILE A 101 18.16 0.46 -12.93
CA ILE A 101 17.52 1.66 -13.47
C ILE A 101 17.89 2.77 -12.51
N TRP A 102 18.75 3.68 -12.98
CA TRP A 102 19.18 4.78 -12.15
C TRP A 102 18.13 5.87 -12.26
N GLY A 103 17.40 6.07 -11.19
CA GLY A 103 16.38 7.09 -11.18
C GLY A 103 15.47 7.04 -9.97
N ASP A 104 14.49 7.92 -10.00
CA ASP A 104 13.54 8.11 -8.90
C ASP A 104 12.34 7.20 -9.07
N ALA A 105 12.12 6.28 -8.12
CA ALA A 105 11.06 5.29 -8.24
C ALA A 105 9.66 5.89 -8.35
N LEU A 106 9.50 7.12 -7.88
CA LEU A 106 8.21 7.80 -7.96
C LEU A 106 7.96 8.43 -9.33
N LYS A 107 9.01 8.44 -10.15
CA LYS A 107 8.98 9.12 -11.46
C LYS A 107 9.05 8.13 -12.62
N VAL A 108 9.75 7.02 -12.42
CA VAL A 108 9.89 5.98 -13.43
C VAL A 108 8.51 5.48 -13.89
N ASP A 109 8.35 5.26 -15.20
CA ASP A 109 7.11 4.65 -15.71
C ASP A 109 7.13 3.15 -15.50
N LEU A 110 6.45 2.70 -14.45
CA LEU A 110 6.40 1.29 -14.13
C LEU A 110 5.60 0.44 -15.14
N ASN A 111 4.74 1.09 -15.92
CA ASN A 111 3.98 0.42 -16.99
C ASN A 111 4.87 -0.21 -18.05
N LYS A 112 6.07 0.36 -18.23
CA LYS A 112 7.03 -0.10 -19.25
C LYS A 112 7.88 -1.31 -18.83
N LEU A 113 7.81 -1.69 -17.56
CA LEU A 113 8.59 -2.82 -17.05
C LEU A 113 7.71 -4.08 -16.88
N ASP A 114 8.29 -5.26 -17.13
CA ASP A 114 7.51 -6.52 -17.12
C ASP A 114 7.67 -7.37 -15.86
N PHE A 115 7.66 -6.74 -14.71
CA PHE A 115 7.75 -7.48 -13.45
C PHE A 115 6.37 -8.02 -13.04
N ASN A 116 6.35 -9.10 -12.26
CA ASN A 116 5.10 -9.57 -11.65
C ASN A 116 5.13 -9.50 -10.12
N LYS A 117 6.31 -9.27 -9.55
CA LYS A 117 6.43 -9.20 -8.09
C LYS A 117 7.35 -8.05 -7.68
N VAL A 118 7.15 -7.54 -6.47
CA VAL A 118 8.00 -6.46 -5.95
C VAL A 118 8.52 -6.91 -4.60
N VAL A 119 9.83 -6.77 -4.38
CA VAL A 119 10.45 -7.12 -3.10
C VAL A 119 11.48 -6.06 -2.81
N ALA A 120 11.36 -5.38 -1.68
CA ALA A 120 12.21 -4.20 -1.43
C ALA A 120 12.23 -3.82 0.04
N ASN A 121 13.37 -3.31 0.49
CA ASN A 121 13.42 -2.52 1.72
C ASN A 121 13.20 -1.09 1.26
N LEU A 122 11.97 -0.58 1.41
CA LEU A 122 11.62 0.70 0.80
C LEU A 122 12.36 1.87 1.43
N PRO A 123 12.62 2.91 0.63
CA PRO A 123 13.01 4.18 1.21
C PRO A 123 11.76 4.70 1.92
N TYR A 124 11.85 4.88 3.23
CA TYR A 124 10.65 5.08 4.03
C TYR A 124 9.91 6.36 3.65
N GLN A 125 10.66 7.37 3.21
CA GLN A 125 10.08 8.67 2.89
C GLN A 125 9.06 8.57 1.74
N ILE A 126 9.18 7.52 0.92
CA ILE A 126 8.25 7.34 -0.19
C ILE A 126 7.13 6.32 0.05
N SER A 127 7.04 5.82 1.29
CA SER A 127 6.16 4.70 1.64
C SER A 127 4.75 4.79 1.05
N SER A 128 4.06 5.90 1.33
CA SER A 128 2.68 6.01 0.87
C SER A 128 2.56 6.09 -0.67
N PRO A 129 3.15 7.14 -1.30
CA PRO A 129 2.92 7.19 -2.76
C PRO A 129 3.42 5.97 -3.52
N ILE A 130 4.54 5.37 -3.10
CA ILE A 130 5.04 4.19 -3.83
C ILE A 130 4.08 3.00 -3.72
N THR A 131 3.47 2.84 -2.53
CA THR A 131 2.54 1.75 -2.32
C THR A 131 1.36 1.87 -3.27
N PHE A 132 0.77 3.06 -3.34
CA PHE A 132 -0.36 3.18 -4.24
C PHE A 132 0.02 3.18 -5.71
N LYS A 133 1.22 3.67 -6.03
CA LYS A 133 1.72 3.64 -7.43
C LYS A 133 1.88 2.20 -7.87
N LEU A 134 2.45 1.39 -6.98
CA LEU A 134 2.65 -0.02 -7.26
C LEU A 134 1.32 -0.74 -7.40
N ILE A 135 0.40 -0.50 -6.47
CA ILE A 135 -0.89 -1.18 -6.51
C ILE A 135 -1.64 -0.83 -7.81
N LYS A 136 -1.58 0.45 -8.18
CA LYS A 136 -2.21 0.94 -9.44
C LYS A 136 -1.67 0.20 -10.67
N ARG A 137 -0.34 0.08 -10.74
CA ARG A 137 0.33 -0.66 -11.81
C ARG A 137 -0.07 -2.13 -11.78
N GLY A 138 -0.17 -2.69 -10.57
CA GLY A 138 -0.56 -4.07 -10.40
C GLY A 138 0.64 -4.99 -10.24
N PHE A 139 0.43 -6.09 -9.52
CA PHE A 139 1.45 -7.11 -9.34
C PHE A 139 0.80 -8.34 -8.72
N ASP A 140 1.43 -9.50 -8.89
CA ASP A 140 0.93 -10.74 -8.28
C ASP A 140 1.09 -10.71 -6.77
N LEU A 141 2.25 -10.23 -6.33
CA LEU A 141 2.59 -10.21 -4.91
C LEU A 141 3.72 -9.21 -4.68
N ALA A 142 3.68 -8.52 -3.54
CA ALA A 142 4.80 -7.68 -3.09
C ALA A 142 5.16 -8.04 -1.65
N VAL A 143 6.45 -7.96 -1.33
CA VAL A 143 6.93 -8.14 0.04
C VAL A 143 7.83 -6.94 0.32
N LEU A 144 7.35 -6.02 1.15
CA LEU A 144 7.99 -4.70 1.27
C LEU A 144 8.25 -4.39 2.73
N MET A 145 9.41 -3.79 2.99
CA MET A 145 9.71 -3.33 4.34
C MET A 145 9.33 -1.87 4.52
N TYR A 146 8.60 -1.62 5.62
CA TYR A 146 8.16 -0.27 6.01
C TYR A 146 8.58 0.00 7.44
N GLN A 147 8.52 1.27 7.88
CA GLN A 147 8.66 1.54 9.31
C GLN A 147 7.49 0.85 10.02
N TYR A 148 7.72 0.40 11.25
CA TYR A 148 6.71 -0.43 11.91
C TYR A 148 5.35 0.28 12.09
N GLU A 149 5.38 1.56 12.48
CA GLU A 149 4.12 2.28 12.70
C GLU A 149 3.28 2.39 11.43
N PHE A 150 3.94 2.57 10.28
CA PHE A 150 3.24 2.59 8.99
C PHE A 150 2.60 1.23 8.68
N ALA A 151 3.39 0.16 8.83
CA ALA A 151 2.88 -1.20 8.64
C ALA A 151 1.67 -1.51 9.54
N LYS A 152 1.75 -1.10 10.81
CA LYS A 152 0.64 -1.33 11.75
C LYS A 152 -0.64 -0.68 11.25
N ARG A 153 -0.50 0.52 10.68
CA ARG A 153 -1.64 1.23 10.12
C ARG A 153 -2.19 0.52 8.89
N MET A 154 -1.31 0.03 8.03
CA MET A 154 -1.75 -0.64 6.81
C MET A 154 -2.65 -1.82 7.12
N VAL A 155 -2.28 -2.59 8.16
CA VAL A 155 -2.94 -3.87 8.44
C VAL A 155 -4.02 -3.76 9.53
N ALA A 156 -4.21 -2.56 10.08
CA ALA A 156 -5.04 -2.38 11.28
C ALA A 156 -6.47 -2.89 11.09
N ALA A 157 -7.04 -3.52 12.13
CA ALA A 157 -8.43 -3.99 12.03
C ALA A 157 -9.40 -2.83 12.27
N ALA A 158 -10.58 -2.93 11.67
CA ALA A 158 -11.58 -1.89 11.84
C ALA A 158 -11.87 -1.62 13.29
N GLY A 159 -12.16 -0.36 13.63
CA GLY A 159 -12.54 -0.03 15.00
C GLY A 159 -11.42 -0.01 16.03
N THR A 160 -10.16 -0.05 15.56
CA THR A 160 -9.01 0.04 16.47
C THR A 160 -8.26 1.37 16.33
N LYS A 161 -7.38 1.65 17.29
CA LYS A 161 -6.68 2.92 17.36
C LYS A 161 -5.86 3.27 16.10
N ASP A 162 -5.27 2.26 15.45
CA ASP A 162 -4.43 2.48 14.27
C ASP A 162 -5.20 2.45 12.94
N TYR A 163 -6.50 2.19 13.01
CA TYR A 163 -7.29 2.04 11.79
C TYR A 163 -7.62 3.41 11.25
N GLY A 164 -7.31 3.62 9.98
CA GLY A 164 -7.59 4.90 9.37
C GLY A 164 -7.62 4.83 7.87
N ARG A 165 -7.54 6.01 7.25
CA ARG A 165 -7.66 6.09 5.80
C ARG A 165 -6.66 5.14 5.13
N LEU A 166 -5.43 5.12 5.64
CA LEU A 166 -4.41 4.27 5.01
C LEU A 166 -4.82 2.79 5.03
N SER A 167 -5.34 2.37 6.18
CA SER A 167 -5.80 1.00 6.36
C SER A 167 -6.82 0.64 5.30
N VAL A 168 -7.83 1.49 5.13
CA VAL A 168 -8.92 1.18 4.20
C VAL A 168 -8.47 1.31 2.75
N ALA A 169 -7.63 2.32 2.50
CA ALA A 169 -7.10 2.53 1.15
C ALA A 169 -6.32 1.32 0.64
N VAL A 170 -5.58 0.67 1.54
CA VAL A 170 -4.80 -0.50 1.15
C VAL A 170 -5.65 -1.76 1.17
N GLN A 171 -6.34 -2.00 2.29
CA GLN A 171 -7.09 -3.26 2.45
C GLN A 171 -8.25 -3.42 1.47
N SER A 172 -8.78 -2.30 0.98
CA SER A 172 -9.84 -2.33 -0.07
C SER A 172 -9.32 -2.85 -1.42
N ARG A 173 -8.00 -2.88 -1.56
CA ARG A 173 -7.34 -3.24 -2.82
C ARG A 173 -6.44 -4.48 -2.73
N ALA A 174 -6.12 -4.92 -1.51
CA ALA A 174 -5.11 -5.96 -1.33
C ALA A 174 -5.27 -6.59 0.03
N ASP A 175 -4.98 -7.88 0.10
CA ASP A 175 -4.80 -8.55 1.37
C ASP A 175 -3.39 -8.24 1.84
N VAL A 176 -3.30 -7.78 3.09
N VAL A 176 -3.28 -7.76 3.09
CA VAL A 176 -2.03 -7.34 3.65
CA VAL A 176 -2.01 -7.29 3.64
C VAL A 176 -1.82 -8.02 5.01
C VAL A 176 -1.78 -7.83 5.06
N GLU A 177 -0.56 -8.30 5.32
CA GLU A 177 -0.21 -8.81 6.65
C GLU A 177 1.25 -8.55 6.98
N ILE A 178 1.52 -8.34 8.25
CA ILE A 178 2.91 -8.23 8.69
C ILE A 178 3.51 -9.62 8.83
N VAL A 179 4.57 -9.86 8.03
CA VAL A 179 5.32 -11.13 8.02
C VAL A 179 6.32 -11.25 9.18
N ALA A 180 6.95 -10.12 9.52
CA ALA A 180 7.98 -10.10 10.56
C ALA A 180 8.24 -8.68 11.02
N LYS A 181 8.54 -8.54 12.31
N LYS A 181 8.61 -8.55 12.30
CA LYS A 181 9.02 -7.29 12.88
CA LYS A 181 9.02 -7.28 12.90
C LYS A 181 10.53 -7.28 12.71
C LYS A 181 10.55 -7.21 12.90
N VAL A 182 11.09 -6.13 12.34
CA VAL A 182 12.53 -6.01 12.06
C VAL A 182 13.19 -4.98 13.00
N PRO A 183 14.08 -5.44 13.89
CA PRO A 183 14.68 -4.54 14.87
C PRO A 183 15.76 -3.64 14.27
N PRO A 184 16.04 -2.49 14.93
CA PRO A 184 17.12 -1.61 14.48
C PRO A 184 18.43 -2.34 14.21
N SER A 185 18.75 -3.34 15.03
CA SER A 185 19.98 -4.12 14.91
C SER A 185 20.17 -4.84 13.57
N ALA A 186 19.10 -4.96 12.78
CA ALA A 186 19.16 -5.58 11.45
C ALA A 186 19.76 -4.67 10.37
N PHE A 187 20.02 -3.42 10.76
CA PHE A 187 20.48 -2.37 9.83
C PHE A 187 21.79 -1.75 10.31
N TYR A 188 22.52 -1.17 9.37
CA TYR A 188 23.61 -0.29 9.73
C TYR A 188 23.65 0.95 8.83
N PRO A 189 23.74 2.15 9.43
CA PRO A 189 23.61 2.46 10.86
C PRO A 189 22.24 2.07 11.39
N LYS A 190 22.11 1.96 12.71
CA LYS A 190 20.83 1.53 13.29
C LYS A 190 19.82 2.67 13.24
N PRO A 191 18.60 2.38 12.77
CA PRO A 191 17.51 3.36 12.79
C PRO A 191 17.01 3.56 14.20
N LYS A 192 16.18 4.59 14.41
CA LYS A 192 15.62 4.86 15.73
C LYS A 192 14.38 4.01 16.00
N VAL A 193 13.78 3.48 14.93
CA VAL A 193 12.55 2.72 15.06
C VAL A 193 12.63 1.33 14.38
N TYR A 194 11.74 0.42 14.78
CA TYR A 194 11.61 -0.89 14.14
C TYR A 194 11.02 -0.75 12.74
N SER A 195 11.34 -1.71 11.87
CA SER A 195 10.63 -1.84 10.59
C SER A 195 9.76 -3.09 10.61
N ALA A 196 9.00 -3.32 9.54
CA ALA A 196 8.20 -4.53 9.45
C ALA A 196 8.17 -4.96 7.99
N ILE A 197 8.25 -6.27 7.77
CA ILE A 197 8.07 -6.82 6.44
C ILE A 197 6.57 -7.06 6.25
N VAL A 198 6.02 -6.49 5.19
CA VAL A 198 4.58 -6.61 4.88
C VAL A 198 4.37 -7.30 3.54
N LYS A 199 3.52 -8.33 3.54
CA LYS A 199 3.17 -9.04 2.32
C LYS A 199 1.87 -8.44 1.80
N ILE A 200 1.83 -8.14 0.52
CA ILE A 200 0.67 -7.48 -0.08
C ILE A 200 0.23 -8.30 -1.29
N LYS A 201 -1.01 -8.79 -1.29
CA LYS A 201 -1.55 -9.55 -2.42
C LYS A 201 -2.79 -8.84 -2.97
N PRO A 202 -2.66 -8.18 -4.13
CA PRO A 202 -3.82 -7.48 -4.67
C PRO A 202 -5.04 -8.38 -4.77
N ASN A 203 -6.20 -7.82 -4.47
CA ASN A 203 -7.43 -8.60 -4.42
C ASN A 203 -8.56 -7.71 -4.89
N LYS A 204 -8.65 -7.54 -6.20
CA LYS A 204 -9.61 -6.62 -6.81
C LYS A 204 -11.08 -7.01 -6.60
N GLY A 205 -11.38 -8.30 -6.76
CA GLY A 205 -12.76 -8.79 -6.73
C GLY A 205 -13.43 -8.95 -5.39
N LYS A 206 -12.63 -8.91 -4.31
CA LYS A 206 -13.17 -9.08 -2.96
C LYS A 206 -14.16 -7.97 -2.59
N TYR A 207 -13.76 -6.72 -2.87
CA TYR A 207 -14.57 -5.57 -2.47
C TYR A 207 -15.21 -4.80 -3.62
N HIS A 208 -14.62 -4.88 -4.82
CA HIS A 208 -15.20 -4.31 -6.04
C HIS A 208 -15.59 -2.83 -5.92
N ILE A 209 -14.60 -1.96 -6.04
CA ILE A 209 -14.81 -0.51 -5.99
C ILE A 209 -15.45 -0.05 -7.31
N GLU A 210 -16.58 0.64 -7.21
CA GLU A 210 -17.36 1.09 -8.38
C GLU A 210 -16.66 2.19 -9.19
N ASN A 211 -16.10 3.17 -8.51
CA ASN A 211 -15.38 4.27 -9.14
C ASN A 211 -14.25 4.64 -8.21
N GLU A 212 -13.01 4.38 -8.64
CA GLU A 212 -11.82 4.55 -7.80
C GLU A 212 -11.61 5.99 -7.34
N ASN A 213 -11.75 6.94 -8.26
CA ASN A 213 -11.60 8.36 -7.89
C ASN A 213 -12.61 8.84 -6.85
N PHE A 214 -13.88 8.45 -7.01
CA PHE A 214 -14.89 8.83 -6.02
C PHE A 214 -14.58 8.15 -4.69
N PHE A 215 -14.16 6.89 -4.76
CA PHE A 215 -13.82 6.16 -3.53
C PHE A 215 -12.73 6.91 -2.77
N ASP A 216 -11.69 7.32 -3.50
CA ASP A 216 -10.58 8.08 -2.92
C ASP A 216 -11.07 9.38 -2.26
N ASP A 217 -11.93 10.11 -2.97
CA ASP A 217 -12.49 11.35 -2.40
C ASP A 217 -13.35 11.09 -1.15
N PHE A 218 -14.14 10.01 -1.21
CA PHE A 218 -15.01 9.64 -0.10
C PHE A 218 -14.16 9.28 1.13
N LEU A 219 -13.11 8.47 0.94
CA LEU A 219 -12.22 8.12 2.06
C LEU A 219 -11.58 9.36 2.66
N ARG A 220 -11.11 10.26 1.81
CA ARG A 220 -10.47 11.49 2.27
C ARG A 220 -11.46 12.25 3.15
N ALA A 221 -12.68 12.42 2.66
CA ALA A 221 -13.69 13.18 3.38
C ALA A 221 -14.02 12.60 4.75
N ILE A 222 -14.28 11.30 4.79
CA ILE A 222 -14.76 10.71 6.03
C ILE A 222 -13.64 10.62 7.08
N PHE A 223 -12.41 10.31 6.64
CA PHE A 223 -11.31 10.20 7.61
C PHE A 223 -10.73 11.54 8.05
N GLN A 224 -11.27 12.65 7.52
CA GLN A 224 -10.95 13.97 8.09
C GLN A 224 -11.66 14.16 9.42
N HIS A 225 -12.61 13.29 9.73
CA HIS A 225 -13.37 13.37 11.00
C HIS A 225 -13.65 11.96 11.46
N ARG A 226 -12.59 11.21 11.77
CA ARG A 226 -12.68 9.75 11.97
C ARG A 226 -13.54 9.32 13.16
N ASN A 227 -13.69 10.20 14.14
CA ASN A 227 -14.48 9.84 15.31
C ASN A 227 -15.95 10.30 15.24
N LYS A 228 -16.32 10.97 14.14
CA LYS A 228 -17.71 11.40 13.94
C LYS A 228 -18.47 10.31 13.19
N SER A 229 -19.81 10.39 13.17
CA SER A 229 -20.56 9.49 12.29
C SER A 229 -20.20 9.80 10.85
N VAL A 230 -20.35 8.82 9.96
CA VAL A 230 -20.10 9.04 8.53
C VAL A 230 -20.93 10.26 8.07
N ARG A 231 -22.20 10.29 8.48
CA ARG A 231 -23.10 11.37 8.10
C ARG A 231 -22.51 12.74 8.46
N LYS A 232 -22.12 12.90 9.72
CA LYS A 232 -21.60 14.21 10.18
C LYS A 232 -20.24 14.54 9.54
N ALA A 233 -19.42 13.50 9.32
CA ALA A 233 -18.12 13.68 8.65
C ALA A 233 -18.30 14.21 7.23
N LEU A 234 -19.27 13.62 6.52
CA LEU A 234 -19.53 14.01 5.13
C LEU A 234 -20.07 15.44 5.03
N ILE A 235 -20.87 15.84 6.02
CA ILE A 235 -21.33 17.22 6.05
C ILE A 235 -20.16 18.18 6.31
N ASP A 236 -19.36 17.89 7.34
CA ASP A 236 -18.22 18.75 7.65
C ASP A 236 -17.24 18.87 6.48
N SER A 237 -17.02 17.75 5.79
CA SER A 237 -16.09 17.70 4.68
C SER A 237 -16.79 17.75 3.32
N SER A 238 -17.98 18.34 3.28
CA SER A 238 -18.78 18.28 2.05
C SER A 238 -18.02 18.84 0.83
N LYS A 239 -17.18 19.85 1.06
CA LYS A 239 -16.46 20.46 -0.06
C LYS A 239 -15.45 19.51 -0.72
N GLU A 240 -15.05 18.45 -0.02
CA GLU A 240 -14.14 17.46 -0.60
C GLU A 240 -14.82 16.66 -1.69
N LEU A 241 -16.15 16.64 -1.61
CA LEU A 241 -16.98 15.99 -2.61
C LEU A 241 -17.70 17.03 -3.48
N ASN A 242 -17.26 18.30 -3.39
CA ASN A 242 -17.77 19.38 -4.24
C ASN A 242 -19.23 19.79 -3.97
N TYR A 243 -19.65 19.65 -2.71
CA TYR A 243 -20.99 20.09 -2.27
C TYR A 243 -20.84 21.06 -1.12
N ASN A 244 -21.79 21.98 -1.01
CA ASN A 244 -21.84 22.86 0.16
C ASN A 244 -22.51 22.09 1.31
N LYS A 245 -22.38 22.59 2.53
CA LYS A 245 -22.84 21.82 3.70
C LYS A 245 -24.35 21.58 3.68
N ASP A 246 -25.11 22.56 3.19
CA ASP A 246 -26.59 22.48 3.09
C ASP A 246 -27.01 21.41 2.07
N GLU A 247 -26.41 21.48 0.88
CA GLU A 247 -26.59 20.47 -0.16
C GLU A 247 -26.36 19.06 0.37
N MET A 248 -25.23 18.88 1.06
CA MET A 248 -24.85 17.56 1.54
C MET A 248 -25.83 17.06 2.61
N LYS A 249 -26.24 17.95 3.52
CA LYS A 249 -27.23 17.58 4.52
C LYS A 249 -28.50 17.02 3.88
N LYS A 250 -28.99 17.72 2.85
CA LYS A 250 -30.20 17.30 2.14
C LYS A 250 -29.99 16.00 1.35
N ILE A 251 -28.83 15.89 0.70
CA ILE A 251 -28.46 14.68 -0.02
C ILE A 251 -28.51 13.46 0.90
N LEU A 252 -27.89 13.60 2.06
CA LEU A 252 -27.83 12.48 3.01
C LEU A 252 -29.19 12.13 3.61
N GLU A 253 -30.05 13.14 3.78
CA GLU A 253 -31.44 12.90 4.20
C GLU A 253 -32.12 12.00 3.18
N ASP A 254 -32.01 12.35 1.91
CA ASP A 254 -32.61 11.57 0.83
C ASP A 254 -31.96 10.19 0.71
N PHE A 255 -30.62 10.17 0.81
CA PHE A 255 -29.85 8.93 0.72
C PHE A 255 -30.26 7.95 1.80
N LEU A 256 -30.36 8.45 3.04
CA LEU A 256 -30.75 7.62 4.20
C LEU A 256 -32.14 7.01 4.01
N ASN A 257 -33.01 7.68 3.27
CA ASN A 257 -34.35 7.16 3.05
C ASN A 257 -34.43 6.07 2.00
N THR A 258 -33.30 5.77 1.35
CA THR A 258 -33.30 4.74 0.30
C THR A 258 -33.47 3.32 0.87
N ASN A 259 -32.70 3.00 1.91
CA ASN A 259 -32.93 1.74 2.65
C ASN A 259 -32.37 1.78 4.07
N SER A 260 -32.84 0.85 4.91
CA SER A 260 -32.45 0.81 6.32
C SER A 260 -30.97 0.52 6.54
N GLU A 261 -30.36 -0.23 5.63
CA GLU A 261 -28.94 -0.57 5.77
C GLU A 261 -28.05 0.66 5.68
N ILE A 262 -28.38 1.54 4.72
CA ILE A 262 -27.66 2.81 4.54
C ILE A 262 -27.77 3.71 5.77
N LYS A 263 -28.98 3.83 6.30
CA LYS A 263 -29.26 4.58 7.53
C LYS A 263 -28.33 4.10 8.64
N ASN A 264 -28.28 2.79 8.84
CA ASN A 264 -27.46 2.21 9.91
C ASN A 264 -25.94 2.41 9.70
N LEU A 265 -25.50 2.31 8.45
CA LEU A 265 -24.09 2.56 8.15
C LEU A 265 -23.71 4.02 8.37
N ILE A 266 -24.50 4.95 7.83
CA ILE A 266 -24.08 6.37 7.88
C ILE A 266 -24.14 6.97 9.28
N ASN A 267 -24.90 6.32 10.16
CA ASN A 267 -25.00 6.76 11.54
C ASN A 267 -23.90 6.23 12.45
N GLU A 268 -23.14 5.25 11.97
CA GLU A 268 -21.99 4.72 12.71
C GLU A 268 -20.77 5.64 12.57
N LYS A 269 -19.89 5.58 13.58
CA LYS A 269 -18.64 6.33 13.55
C LYS A 269 -17.74 5.80 12.43
N VAL A 270 -17.11 6.71 11.72
CA VAL A 270 -16.31 6.33 10.55
C VAL A 270 -15.34 5.19 10.86
N PHE A 271 -14.55 5.33 11.93
CA PHE A 271 -13.47 4.39 12.18
C PHE A 271 -13.98 3.02 12.62
N LYS A 272 -15.28 2.93 12.88
CA LYS A 272 -15.88 1.64 13.30
C LYS A 272 -16.44 0.80 12.15
N LEU A 273 -16.56 1.38 10.96
CA LEU A 273 -17.02 0.62 9.79
C LEU A 273 -15.90 -0.23 9.23
N SER A 274 -16.28 -1.45 8.85
CA SER A 274 -15.35 -2.39 8.22
C SER A 274 -15.00 -1.89 6.83
N VAL A 275 -13.89 -2.39 6.29
CA VAL A 275 -13.53 -2.09 4.91
C VAL A 275 -14.68 -2.45 3.94
N LYS A 276 -15.25 -3.65 4.10
CA LYS A 276 -16.39 -4.08 3.28
C LYS A 276 -17.50 -3.03 3.30
N ASP A 277 -17.83 -2.56 4.49
CA ASP A 277 -18.93 -1.61 4.66
C ASP A 277 -18.62 -0.24 4.06
N ILE A 278 -17.38 0.23 4.20
CA ILE A 278 -16.99 1.50 3.59
C ILE A 278 -17.02 1.44 2.06
N VAL A 279 -16.47 0.36 1.50
CA VAL A 279 -16.56 0.15 0.05
C VAL A 279 -18.02 0.13 -0.44
N ASN A 280 -18.88 -0.66 0.20
N ASN A 280 -18.86 -0.67 0.22
CA ASN A 280 -20.27 -0.75 -0.22
CA ASN A 280 -20.28 -0.79 -0.11
C ASN A 280 -21.03 0.56 -0.04
C ASN A 280 -21.02 0.53 -0.02
N LEU A 281 -20.79 1.23 1.08
CA LEU A 281 -21.41 2.54 1.33
C LEU A 281 -21.04 3.54 0.24
N SER A 282 -19.75 3.60 -0.07
CA SER A 282 -19.26 4.52 -1.09
C SER A 282 -19.81 4.15 -2.49
N ASN A 283 -19.84 2.85 -2.81
CA ASN A 283 -20.44 2.39 -4.08
C ASN A 283 -21.89 2.84 -4.21
N GLU A 284 -22.66 2.61 -3.15
N GLU A 284 -22.68 2.61 -3.16
CA GLU A 284 -24.08 2.96 -3.11
CA GLU A 284 -24.10 2.97 -3.18
C GLU A 284 -24.27 4.47 -3.24
C GLU A 284 -24.30 4.49 -3.23
N PHE A 285 -23.44 5.23 -2.54
CA PHE A 285 -23.48 6.70 -2.57
C PHE A 285 -23.10 7.23 -3.95
N TYR A 286 -22.09 6.63 -4.58
CA TYR A 286 -21.73 6.99 -5.95
C TYR A 286 -22.93 6.80 -6.89
N ARG A 287 -23.50 5.60 -6.84
CA ARG A 287 -24.68 5.30 -7.67
C ARG A 287 -25.85 6.25 -7.38
N PHE A 288 -26.02 6.59 -6.12
CA PHE A 288 -27.09 7.50 -5.70
C PHE A 288 -26.92 8.87 -6.32
N LEU A 289 -25.70 9.41 -6.21
CA LEU A 289 -25.39 10.75 -6.72
C LEU A 289 -25.46 10.82 -8.23
N GLN A 290 -25.00 9.76 -8.89
CA GLN A 290 -25.01 9.72 -10.37
C GLN A 290 -26.44 9.62 -10.90
N ASN A 291 -27.29 8.94 -10.14
CA ASN A 291 -28.71 8.82 -10.47
C ASN A 291 -29.45 10.14 -10.24
N ARG A 292 -28.97 10.93 -9.28
CA ARG A 292 -29.56 12.22 -8.94
C ARG A 292 -28.99 13.32 -9.83
P AMP B . 16.52 6.08 2.67
O1P AMP B . 17.58 7.12 2.64
O2P AMP B . 15.06 6.69 3.03
O3P AMP B . 16.83 4.96 3.81
O5' AMP B . 16.34 5.27 1.31
C5' AMP B . 17.05 4.05 1.11
C4' AMP B . 17.86 4.14 -0.16
O4' AMP B . 16.92 4.15 -1.27
C3' AMP B . 18.52 5.51 -0.15
O3' AMP B . 19.89 5.36 0.28
C2' AMP B . 18.48 5.96 -1.60
O2' AMP B . 19.73 5.64 -2.19
C1' AMP B . 17.38 5.12 -2.24
N9 AMP B . 16.19 5.96 -2.59
C8 AMP B . 15.66 6.93 -1.83
N7 AMP B . 14.62 7.45 -2.46
C5 AMP B . 14.49 6.81 -3.63
C6 AMP B . 13.60 6.93 -4.70
N6 AMP B . 12.62 7.84 -4.66
N1 AMP B . 13.75 6.11 -5.76
C2 AMP B . 14.72 5.21 -5.81
N3 AMP B . 15.58 5.07 -4.80
C4 AMP B . 15.49 5.86 -3.71
S SO4 C . -0.09 -3.12 18.97
O1 SO4 C . 0.15 -1.70 19.22
O2 SO4 C . -0.64 -3.29 17.61
O3 SO4 C . 1.17 -3.86 19.10
O4 SO4 C . -1.04 -3.64 19.94
S SO4 D . 4.66 -4.01 18.99
O1 SO4 D . 5.90 -4.77 19.10
O2 SO4 D . 4.92 -2.71 18.36
O3 SO4 D . 3.71 -4.77 18.18
O4 SO4 D . 4.11 -3.82 20.34
S SO4 E . -23.34 18.14 16.13
O1 SO4 E . -24.64 18.44 16.74
O2 SO4 E . -23.48 18.04 14.67
O3 SO4 E . -22.41 19.23 16.43
O4 SO4 E . -22.84 16.88 16.66
S SO4 F . -4.30 14.65 1.52
O1 SO4 F . -3.02 14.44 2.21
O2 SO4 F . -4.49 13.61 0.52
O3 SO4 F . -5.38 14.60 2.48
O4 SO4 F . -4.29 15.96 0.86
#